data_5J73
#
_entry.id   5J73
#
_cell.length_a   37.790
_cell.length_b   91.970
_cell.length_c   45.840
_cell.angle_alpha   90.00
_cell.angle_beta   111.14
_cell.angle_gamma   90.00
#
_symmetry.space_group_name_H-M   'P 1 21 1'
#
loop_
_entity.id
_entity.type
_entity.pdbx_description
1 polymer 'protein design 2L4HC2_9'
2 water water
#
_entity_poly.entity_id   1
_entity_poly.type   'polypeptide(L)'
_entity_poly.pdbx_seq_one_letter_code
;GSHMGTSDYIIEQIQRDQEEARKKVEEAEERLERVKEASKRGVSSDQLLDLIRELAEIIEELIRIIRRSNEAIKELIKNQ
S
;
_entity_poly.pdbx_strand_id   A,B,C,D
#
# COMPACT_ATOMS: atom_id res chain seq x y z
N THR A 6 -18.09 7.65 -22.26
CA THR A 6 -17.66 6.34 -21.69
C THR A 6 -18.32 5.22 -22.46
N SER A 7 -17.52 4.25 -22.91
CA SER A 7 -18.06 3.09 -23.61
C SER A 7 -18.24 1.89 -22.68
N ASP A 8 -18.92 0.86 -23.20
CA ASP A 8 -19.33 -0.29 -22.41
C ASP A 8 -18.14 -1.08 -21.87
N TYR A 9 -17.04 -1.10 -22.62
CA TYR A 9 -15.86 -1.85 -22.19
C TYR A 9 -15.31 -1.23 -20.92
N ILE A 10 -15.20 0.09 -20.89
CA ILE A 10 -14.72 0.78 -19.70
C ILE A 10 -15.70 0.59 -18.55
N ILE A 11 -16.97 0.79 -18.84
CA ILE A 11 -18.01 0.66 -17.83
C ILE A 11 -17.98 -0.74 -17.22
N GLU A 12 -17.74 -1.75 -18.05
CA GLU A 12 -17.69 -3.13 -17.58
C GLU A 12 -16.47 -3.36 -16.69
N GLN A 13 -15.33 -2.79 -17.06
CA GLN A 13 -14.13 -2.89 -16.24
C GLN A 13 -14.37 -2.28 -14.87
N ILE A 14 -15.03 -1.13 -14.86
CA ILE A 14 -15.33 -0.45 -13.61
C ILE A 14 -16.27 -1.31 -12.76
N GLN A 15 -17.34 -1.83 -13.38
CA GLN A 15 -18.28 -2.67 -12.66
C GLN A 15 -17.63 -3.96 -12.15
N ARG A 16 -16.72 -4.53 -12.93
CA ARG A 16 -16.01 -5.74 -12.51
C ARG A 16 -15.14 -5.46 -11.28
N ASP A 17 -14.44 -4.33 -11.29
CA ASP A 17 -13.60 -3.94 -10.15
C ASP A 17 -14.44 -3.67 -8.92
N GLN A 18 -15.63 -3.10 -9.12
CA GLN A 18 -16.48 -2.72 -8.01
C GLN A 18 -17.09 -3.94 -7.31
N GLU A 19 -17.37 -4.99 -8.07
CA GLU A 19 -17.89 -6.23 -7.50
C GLU A 19 -16.79 -6.93 -6.71
N GLU A 20 -15.60 -6.96 -7.28
CA GLU A 20 -14.43 -7.50 -6.62
C GLU A 20 -14.14 -6.70 -5.36
N ALA A 21 -14.40 -5.41 -5.42
CA ALA A 21 -14.16 -4.53 -4.28
C ALA A 21 -15.10 -4.84 -3.12
N ARG A 22 -16.40 -4.93 -3.40
CA ARG A 22 -17.39 -5.14 -2.33
C ARG A 22 -17.20 -6.51 -1.67
N LYS A 23 -16.84 -7.51 -2.46
CA LYS A 23 -16.62 -8.85 -1.92
C LYS A 23 -15.44 -8.77 -0.95
N LYS A 24 -14.37 -8.10 -1.37
CA LYS A 24 -13.22 -7.90 -0.49
C LYS A 24 -13.61 -7.11 0.76
N VAL A 25 -14.53 -6.16 0.60
CA VAL A 25 -15.01 -5.39 1.76
C VAL A 25 -15.77 -6.32 2.69
N GLU A 26 -16.58 -7.19 2.12
CA GLU A 26 -17.35 -8.15 2.90
C GLU A 26 -16.41 -9.12 3.60
N GLU A 27 -15.34 -9.52 2.91
CA GLU A 27 -14.33 -10.39 3.49
C GLU A 27 -13.64 -9.68 4.65
N ALA A 28 -13.39 -8.39 4.49
CA ALA A 28 -12.73 -7.62 5.52
C ALA A 28 -13.61 -7.45 6.74
N GLU A 29 -14.91 -7.23 6.50
CA GLU A 29 -15.88 -7.09 7.59
C GLU A 29 -15.95 -8.37 8.40
N GLU A 30 -15.95 -9.50 7.70
CA GLU A 30 -16.01 -10.80 8.36
C GLU A 30 -14.73 -11.08 9.14
N ARG A 31 -13.60 -10.87 8.49
CA ARG A 31 -12.31 -11.12 9.11
C ARG A 31 -12.04 -10.19 10.27
N LEU A 32 -12.56 -8.97 10.19
CA LEU A 32 -12.37 -8.02 11.27
C LEU A 32 -13.09 -8.49 12.53
N GLU A 33 -14.33 -8.94 12.41
CA GLU A 33 -15.12 -9.34 13.58
C GLU A 33 -14.52 -10.57 14.24
N ARG A 34 -14.12 -11.56 13.44
CA ARG A 34 -13.48 -12.75 13.97
C ARG A 34 -12.18 -12.36 14.68
N VAL A 35 -11.45 -11.41 14.11
CA VAL A 35 -10.24 -10.90 14.73
C VAL A 35 -10.61 -10.17 16.02
N LYS A 36 -11.75 -9.49 16.01
CA LYS A 36 -12.22 -8.76 17.18
C LYS A 36 -12.66 -9.78 18.24
N GLU A 37 -13.35 -10.82 17.80
CA GLU A 37 -13.78 -11.89 18.70
C GLU A 37 -12.58 -12.63 19.27
N ALA A 38 -11.60 -12.90 18.42
CA ALA A 38 -10.38 -13.58 18.86
C ALA A 38 -9.57 -12.69 19.78
N SER A 39 -9.69 -11.37 19.60
CA SER A 39 -8.93 -10.42 20.39
C SER A 39 -9.34 -10.46 21.86
N LYS A 40 -10.65 -10.55 22.10
CA LYS A 40 -11.21 -10.57 23.45
C LYS A 40 -11.38 -11.98 23.99
N ARG A 41 -10.46 -12.87 23.62
CA ARG A 41 -10.48 -14.26 24.07
C ARG A 41 -9.22 -14.54 24.92
N GLY A 42 -8.54 -13.47 25.33
CA GLY A 42 -7.40 -13.59 26.23
C GLY A 42 -6.34 -14.50 25.64
N VAL A 43 -5.60 -13.95 24.68
CA VAL A 43 -4.60 -14.68 23.92
C VAL A 43 -3.27 -13.96 24.05
N SER A 44 -2.19 -14.58 23.55
CA SER A 44 -0.85 -14.11 23.89
C SER A 44 -0.38 -13.05 22.91
N SER A 45 0.70 -12.37 23.26
CA SER A 45 1.25 -11.29 22.44
C SER A 45 1.55 -11.68 21.00
N ASP A 46 2.30 -12.76 20.81
CA ASP A 46 2.62 -13.26 19.47
C ASP A 46 1.36 -13.46 18.64
N GLN A 47 0.29 -13.88 19.31
CA GLN A 47 -0.99 -14.08 18.68
C GLN A 47 -1.74 -12.78 18.46
N LEU A 48 -1.60 -11.84 19.39
CA LEU A 48 -2.17 -10.51 19.20
C LEU A 48 -1.46 -9.82 18.04
N LEU A 49 -0.14 -10.00 17.99
CA LEU A 49 0.67 -9.43 16.92
C LEU A 49 0.27 -9.98 15.55
N ASP A 50 -0.11 -11.26 15.53
CA ASP A 50 -0.53 -11.91 14.30
C ASP A 50 -1.80 -11.28 13.75
N LEU A 51 -2.72 -10.94 14.66
CA LEU A 51 -3.97 -10.30 14.28
C LEU A 51 -3.72 -8.90 13.73
N ILE A 52 -2.77 -8.19 14.34
CA ILE A 52 -2.39 -6.84 13.89
C ILE A 52 -1.82 -6.88 12.47
N ARG A 53 -0.97 -7.86 12.20
CA ARG A 53 -0.43 -8.07 10.86
C ARG A 53 -1.56 -8.36 9.86
N GLU A 54 -2.52 -9.16 10.31
CA GLU A 54 -3.65 -9.55 9.48
C GLU A 54 -4.52 -8.34 9.14
N LEU A 55 -4.77 -7.47 10.12
CA LEU A 55 -5.54 -6.25 9.90
C LEU A 55 -4.78 -5.25 9.03
N ALA A 56 -3.46 -5.20 9.19
CA ALA A 56 -2.63 -4.31 8.39
C ALA A 56 -2.73 -4.68 6.91
N GLU A 57 -2.85 -5.98 6.64
CA GLU A 57 -3.04 -6.46 5.28
C GLU A 57 -4.35 -5.95 4.71
N ILE A 58 -5.38 -5.99 5.54
CA ILE A 58 -6.71 -5.55 5.14
C ILE A 58 -6.70 -4.07 4.79
N ILE A 59 -6.06 -3.27 5.65
CA ILE A 59 -6.03 -1.82 5.44
C ILE A 59 -5.38 -1.52 4.10
N GLU A 60 -4.25 -2.16 3.83
CA GLU A 60 -3.53 -1.93 2.59
C GLU A 60 -4.35 -2.35 1.37
N GLU A 61 -5.12 -3.41 1.51
CA GLU A 61 -6.00 -3.87 0.43
C GLU A 61 -7.11 -2.86 0.20
N LEU A 62 -7.70 -2.39 1.30
CA LEU A 62 -8.76 -1.39 1.23
C LEU A 62 -8.25 -0.08 0.64
N ILE A 63 -6.98 0.24 0.90
CA ILE A 63 -6.38 1.45 0.35
C ILE A 63 -6.22 1.36 -1.16
N ARG A 64 -5.85 0.19 -1.68
CA ARG A 64 -5.75 0.00 -3.12
C ARG A 64 -7.10 0.21 -3.79
N ILE A 65 -8.14 -0.30 -3.16
CA ILE A 65 -9.50 -0.18 -3.67
C ILE A 65 -9.91 1.29 -3.80
N ILE A 66 -9.57 2.09 -2.81
CA ILE A 66 -9.91 3.50 -2.82
C ILE A 66 -9.18 4.20 -3.95
N ARG A 67 -7.91 3.85 -4.15
CA ARG A 67 -7.11 4.44 -5.21
C ARG A 67 -7.60 4.06 -6.60
N ARG A 68 -7.96 2.80 -6.80
CA ARG A 68 -8.48 2.36 -8.10
C ARG A 68 -9.85 2.99 -8.34
N SER A 69 -10.69 3.03 -7.31
CA SER A 69 -12.01 3.63 -7.42
C SER A 69 -11.86 5.11 -7.72
N ASN A 70 -10.82 5.70 -7.21
CA ASN A 70 -10.52 7.08 -7.48
C ASN A 70 -10.13 7.29 -8.91
N GLU A 71 -9.45 6.32 -9.49
CA GLU A 71 -9.12 6.36 -10.90
C GLU A 71 -10.39 6.23 -11.75
N ALA A 72 -11.30 5.38 -11.32
CA ALA A 72 -12.55 5.15 -12.06
C ALA A 72 -13.43 6.39 -12.10
N ILE A 73 -13.55 7.08 -10.97
CA ILE A 73 -14.37 8.28 -10.91
C ILE A 73 -13.72 9.36 -11.78
N LYS A 74 -12.38 9.43 -11.76
CA LYS A 74 -11.68 10.39 -12.61
C LYS A 74 -12.02 10.16 -14.08
N GLU A 75 -12.02 8.91 -14.51
CA GLU A 75 -12.27 8.56 -15.91
C GLU A 75 -13.72 8.82 -16.31
N LEU A 76 -14.65 8.56 -15.40
CA LEU A 76 -16.08 8.72 -15.69
C LEU A 76 -16.47 10.19 -15.81
N ILE A 77 -15.93 11.03 -14.93
CA ILE A 77 -16.24 12.46 -14.91
C ILE A 77 -15.70 13.14 -16.17
N LYS A 78 -14.66 12.57 -16.75
CA LYS A 78 -14.03 13.12 -17.94
C LYS A 78 -14.85 12.94 -19.21
N ASN A 79 -15.57 11.84 -19.30
CA ASN A 79 -16.36 11.53 -20.49
C ASN A 79 -17.80 12.02 -20.49
N GLN A 80 -17.96 13.34 -20.35
CA GLN A 80 -19.23 14.08 -20.45
C GLN A 80 -19.10 15.39 -19.70
N THR B 6 -24.28 13.18 -13.70
CA THR B 6 -23.63 13.97 -14.78
C THR B 6 -24.07 15.43 -14.73
N SER B 7 -24.68 15.82 -13.61
CA SER B 7 -25.07 17.20 -13.38
C SER B 7 -23.96 17.87 -12.57
N ASP B 8 -23.74 19.16 -12.84
CA ASP B 8 -22.54 19.83 -12.34
C ASP B 8 -22.45 19.95 -10.82
N TYR B 9 -23.57 20.13 -10.13
CA TYR B 9 -23.52 20.22 -8.67
C TYR B 9 -23.13 18.85 -8.12
N ILE B 10 -23.68 17.78 -8.70
CA ILE B 10 -23.35 16.44 -8.27
C ILE B 10 -21.87 16.15 -8.52
N ILE B 11 -21.41 16.48 -9.73
CA ILE B 11 -20.02 16.28 -10.11
C ILE B 11 -19.12 17.03 -9.14
N GLU B 12 -19.54 18.22 -8.72
CA GLU B 12 -18.78 19.04 -7.80
C GLU B 12 -18.67 18.38 -6.43
N GLN B 13 -19.78 17.84 -5.94
CA GLN B 13 -19.79 17.16 -4.66
C GLN B 13 -18.93 15.89 -4.68
N ILE B 14 -18.99 15.15 -5.79
CA ILE B 14 -18.20 13.93 -5.93
C ILE B 14 -16.70 14.23 -5.89
N GLN B 15 -16.28 15.26 -6.64
CA GLN B 15 -14.88 15.65 -6.66
C GLN B 15 -14.41 16.13 -5.27
N ARG B 16 -15.28 16.82 -4.55
CA ARG B 16 -14.96 17.23 -3.18
C ARG B 16 -14.81 16.02 -2.26
N ASP B 17 -15.70 15.05 -2.41
CA ASP B 17 -15.64 13.84 -1.59
C ASP B 17 -14.39 13.04 -1.87
N GLN B 18 -13.97 13.02 -3.14
CA GLN B 18 -12.80 12.23 -3.53
C GLN B 18 -11.52 12.85 -2.98
N GLU B 19 -11.49 14.17 -2.87
CA GLU B 19 -10.33 14.85 -2.29
C GLU B 19 -10.26 14.51 -0.81
N GLU B 20 -11.41 14.48 -0.16
CA GLU B 20 -11.49 14.05 1.23
C GLU B 20 -10.98 12.62 1.37
N ALA B 21 -11.26 11.79 0.37
CA ALA B 21 -10.84 10.39 0.43
C ALA B 21 -9.32 10.28 0.38
N ARG B 22 -8.68 11.01 -0.53
CA ARG B 22 -7.24 10.91 -0.70
C ARG B 22 -6.56 11.38 0.57
N LYS B 23 -7.11 12.43 1.17
CA LYS B 23 -6.56 12.99 2.38
C LYS B 23 -6.70 11.96 3.50
N LYS B 24 -7.90 11.39 3.62
CA LYS B 24 -8.17 10.37 4.63
C LYS B 24 -7.29 9.14 4.46
N VAL B 25 -7.01 8.76 3.21
CA VAL B 25 -6.15 7.61 2.95
C VAL B 25 -4.72 7.90 3.38
N GLU B 26 -4.24 9.11 3.12
CA GLU B 26 -2.89 9.50 3.52
C GLU B 26 -2.72 9.51 5.03
N GLU B 27 -3.73 10.01 5.74
CA GLU B 27 -3.72 10.00 7.19
C GLU B 27 -3.73 8.57 7.72
N ALA B 28 -4.47 7.70 7.02
CA ALA B 28 -4.59 6.30 7.41
C ALA B 28 -3.27 5.56 7.19
N GLU B 29 -2.58 5.86 6.10
CA GLU B 29 -1.28 5.25 5.81
C GLU B 29 -0.30 5.60 6.92
N GLU B 30 -0.32 6.85 7.34
CA GLU B 30 0.54 7.33 8.41
C GLU B 30 0.13 6.67 9.72
N ARG B 31 -1.18 6.58 9.96
CA ARG B 31 -1.69 5.96 11.18
C ARG B 31 -1.30 4.49 11.22
N LEU B 32 -1.24 3.87 10.04
CA LEU B 32 -0.85 2.48 9.93
C LEU B 32 0.62 2.29 10.28
N GLU B 33 1.46 3.17 9.74
CA GLU B 33 2.90 3.06 9.92
C GLU B 33 3.28 3.25 11.39
N ARG B 34 2.64 4.23 12.02
CA ARG B 34 2.86 4.51 13.43
C ARG B 34 2.51 3.27 14.26
N VAL B 35 1.43 2.60 13.87
CA VAL B 35 1.00 1.37 14.52
C VAL B 35 2.00 0.24 14.29
N LYS B 36 2.60 0.20 13.09
CA LYS B 36 3.59 -0.85 12.78
C LYS B 36 4.89 -0.68 13.56
N GLU B 37 5.37 0.55 13.69
CA GLU B 37 6.58 0.79 14.47
C GLU B 37 6.35 0.44 15.93
N ALA B 38 5.21 0.86 16.47
CA ALA B 38 4.87 0.56 17.84
C ALA B 38 4.56 -0.92 18.05
N SER B 39 4.07 -1.59 17.01
CA SER B 39 3.62 -2.98 17.13
C SER B 39 4.67 -4.04 17.43
N LYS B 40 5.81 -3.99 16.74
CA LYS B 40 6.84 -5.03 16.93
C LYS B 40 7.87 -4.65 17.99
N ARG B 41 7.52 -4.94 19.24
CA ARG B 41 8.40 -4.76 20.38
C ARG B 41 7.83 -5.58 21.52
N GLY B 42 8.68 -6.04 22.42
CA GLY B 42 8.24 -6.71 23.63
C GLY B 42 7.32 -5.80 24.41
N VAL B 43 6.05 -5.73 24.00
CA VAL B 43 5.10 -4.80 24.60
C VAL B 43 3.91 -5.53 25.22
N SER B 44 3.17 -4.78 26.01
CA SER B 44 2.18 -5.35 26.92
C SER B 44 0.81 -5.45 26.29
N SER B 45 0.32 -6.69 26.20
CA SER B 45 -1.02 -7.02 25.68
C SER B 45 -1.99 -5.85 25.64
N ASP B 46 -2.12 -5.16 26.77
CA ASP B 46 -2.99 -4.00 26.88
C ASP B 46 -2.73 -2.95 25.81
N GLN B 47 -1.47 -2.75 25.44
CA GLN B 47 -1.14 -1.80 24.38
C GLN B 47 -1.38 -2.45 23.01
N LEU B 48 -1.14 -3.75 22.91
CA LEU B 48 -1.45 -4.45 21.67
C LEU B 48 -2.96 -4.40 21.45
N LEU B 49 -3.71 -4.51 22.54
CA LEU B 49 -5.17 -4.42 22.47
C LEU B 49 -5.59 -3.05 21.93
N ASP B 50 -4.84 -2.02 22.32
CA ASP B 50 -5.12 -0.65 21.87
C ASP B 50 -4.90 -0.50 20.37
N LEU B 51 -3.83 -1.13 19.86
CA LEU B 51 -3.50 -1.06 18.44
C LEU B 51 -4.56 -1.71 17.58
N ILE B 52 -5.10 -2.83 18.07
CA ILE B 52 -6.14 -3.55 17.36
C ILE B 52 -7.41 -2.71 17.22
N ARG B 53 -7.81 -2.03 18.28
CA ARG B 53 -8.96 -1.14 18.22
C ARG B 53 -8.74 -0.02 17.21
N GLU B 54 -7.53 0.53 17.21
CA GLU B 54 -7.19 1.65 16.32
C GLU B 54 -7.26 1.25 14.85
N LEU B 55 -6.73 0.08 14.52
CA LEU B 55 -6.79 -0.41 13.14
C LEU B 55 -8.22 -0.75 12.76
N ALA B 56 -9.00 -1.21 13.73
CA ALA B 56 -10.41 -1.51 13.51
C ALA B 56 -11.15 -0.23 13.15
N GLU B 57 -10.75 0.87 13.76
CA GLU B 57 -11.30 2.19 13.45
C GLU B 57 -10.99 2.62 12.02
N ILE B 58 -9.74 2.42 11.62
CA ILE B 58 -9.29 2.82 10.28
C ILE B 58 -10.07 2.04 9.23
N ILE B 59 -10.17 0.74 9.44
CA ILE B 59 -10.81 -0.15 8.49
C ILE B 59 -12.26 0.27 8.28
N GLU B 60 -12.97 0.52 9.37
CA GLU B 60 -14.38 0.90 9.30
C GLU B 60 -14.52 2.24 8.58
N GLU B 61 -13.55 3.13 8.78
CA GLU B 61 -13.56 4.43 8.11
C GLU B 61 -13.32 4.29 6.60
N LEU B 62 -12.32 3.49 6.22
CA LEU B 62 -12.03 3.27 4.81
C LEU B 62 -13.21 2.62 4.09
N ILE B 63 -13.95 1.78 4.79
CA ILE B 63 -15.11 1.13 4.21
C ILE B 63 -16.20 2.16 3.92
N ARG B 64 -16.35 3.15 4.81
CA ARG B 64 -17.31 4.21 4.57
C ARG B 64 -16.94 4.98 3.30
N ILE B 65 -15.65 5.25 3.14
CA ILE B 65 -15.13 5.94 1.97
C ILE B 65 -15.41 5.11 0.72
N ILE B 66 -15.21 3.80 0.82
CA ILE B 66 -15.43 2.91 -0.31
C ILE B 66 -16.90 2.88 -0.69
N ARG B 67 -17.80 2.83 0.30
CA ARG B 67 -19.22 2.81 0.01
C ARG B 67 -19.68 4.14 -0.60
N ARG B 68 -19.17 5.26 -0.11
CA ARG B 68 -19.52 6.55 -0.71
C ARG B 68 -18.99 6.66 -2.14
N SER B 69 -17.76 6.21 -2.37
CA SER B 69 -17.20 6.22 -3.72
C SER B 69 -17.98 5.27 -4.64
N ASN B 70 -18.50 4.21 -4.07
CA ASN B 70 -19.26 3.23 -4.81
C ASN B 70 -20.50 3.80 -5.34
N GLU B 71 -21.12 4.59 -4.52
CA GLU B 71 -22.35 5.28 -4.86
C GLU B 71 -22.14 6.32 -5.96
N ALA B 72 -21.00 6.99 -5.93
CA ALA B 72 -20.66 7.98 -6.94
C ALA B 72 -20.48 7.34 -8.32
N ILE B 73 -19.83 6.19 -8.34
CA ILE B 73 -19.60 5.49 -9.60
C ILE B 73 -20.93 5.02 -10.18
N LYS B 74 -21.80 4.52 -9.31
CA LYS B 74 -23.13 4.10 -9.70
C LYS B 74 -23.90 5.27 -10.31
N GLU B 75 -23.81 6.43 -9.69
CA GLU B 75 -24.51 7.62 -10.16
C GLU B 75 -23.96 8.10 -11.51
N LEU B 76 -22.65 8.04 -11.66
CA LEU B 76 -22.02 8.50 -12.91
C LEU B 76 -22.28 7.52 -14.06
N ILE B 77 -22.18 6.23 -13.77
CA ILE B 77 -22.38 5.21 -14.80
C ILE B 77 -23.82 5.14 -15.29
N LYS B 78 -24.77 5.46 -14.41
CA LYS B 78 -26.17 5.37 -14.79
C LYS B 78 -26.57 6.56 -15.64
N ASN B 79 -25.94 7.71 -15.43
CA ASN B 79 -26.20 8.87 -16.27
C ASN B 79 -25.41 8.71 -17.58
N GLN B 80 -25.71 7.63 -18.32
CA GLN B 80 -25.08 7.35 -19.62
C GLN B 80 -25.74 8.13 -20.75
N THR C 6 19.16 24.18 -7.87
CA THR C 6 20.60 24.35 -8.26
C THR C 6 21.00 23.48 -9.44
N SER C 7 20.60 23.94 -10.63
CA SER C 7 20.97 23.40 -11.96
C SER C 7 19.77 22.78 -12.65
N ASP C 8 19.27 23.47 -13.66
CA ASP C 8 18.06 23.10 -14.35
C ASP C 8 18.22 21.76 -15.05
N TYR C 9 19.44 21.48 -15.49
CA TYR C 9 19.76 20.24 -16.19
C TYR C 9 19.62 19.02 -15.29
N ILE C 10 20.19 19.09 -14.08
CA ILE C 10 20.11 17.99 -13.12
C ILE C 10 18.69 17.80 -12.62
N ILE C 11 18.04 18.90 -12.28
CA ILE C 11 16.67 18.84 -11.76
C ILE C 11 15.73 18.09 -12.69
N GLU C 12 15.85 18.31 -13.99
CA GLU C 12 14.96 17.63 -14.92
C GLU C 12 15.30 16.14 -15.00
N GLN C 13 16.57 15.81 -14.94
CA GLN C 13 16.99 14.40 -14.95
C GLN C 13 16.38 13.70 -13.74
N ILE C 14 16.39 14.40 -12.61
CA ILE C 14 15.78 13.91 -11.38
C ILE C 14 14.27 13.75 -11.58
N GLN C 15 13.63 14.78 -12.15
CA GLN C 15 12.19 14.72 -12.41
C GLN C 15 11.86 13.60 -13.41
N ARG C 16 12.74 13.37 -14.39
CA ARG C 16 12.55 12.26 -15.31
C ARG C 16 12.57 10.93 -14.59
N ASP C 17 13.55 10.77 -13.71
CA ASP C 17 13.72 9.54 -12.95
C ASP C 17 12.56 9.32 -11.99
N GLN C 18 12.02 10.39 -11.42
CA GLN C 18 10.94 10.27 -10.47
C GLN C 18 9.64 9.85 -11.16
N GLU C 19 9.43 10.31 -12.39
CA GLU C 19 8.27 9.89 -13.18
C GLU C 19 8.45 8.42 -13.57
N GLU C 20 9.68 8.09 -13.93
CA GLU C 20 10.02 6.71 -14.22
C GLU C 20 9.75 5.86 -12.97
N ALA C 21 10.03 6.42 -11.80
CA ALA C 21 9.80 5.71 -10.55
C ALA C 21 8.31 5.49 -10.30
N ARG C 22 7.50 6.52 -10.52
CA ARG C 22 6.07 6.44 -10.22
C ARG C 22 5.40 5.34 -11.07
N LYS C 23 5.85 5.21 -12.32
CA LYS C 23 5.34 4.15 -13.20
C LYS C 23 5.68 2.77 -12.70
N LYS C 24 6.95 2.57 -12.37
CA LYS C 24 7.46 1.28 -11.92
C LYS C 24 6.75 0.84 -10.65
N VAL C 25 6.44 1.80 -9.79
CA VAL C 25 5.70 1.52 -8.56
C VAL C 25 4.28 1.07 -8.88
N GLU C 26 3.65 1.73 -9.83
CA GLU C 26 2.27 1.39 -10.20
C GLU C 26 2.24 0.00 -10.82
N GLU C 27 3.27 -0.30 -11.62
CA GLU C 27 3.43 -1.60 -12.23
C GLU C 27 3.65 -2.68 -11.17
N ALA C 28 4.39 -2.33 -10.13
CA ALA C 28 4.69 -3.25 -9.04
C ALA C 28 3.43 -3.58 -8.25
N GLU C 29 2.59 -2.58 -8.02
CA GLU C 29 1.34 -2.77 -7.28
C GLU C 29 0.40 -3.74 -8.01
N GLU C 30 0.26 -3.56 -9.31
CA GLU C 30 -0.59 -4.45 -10.12
C GLU C 30 0.02 -5.83 -10.18
N ARG C 31 1.32 -5.87 -10.40
CA ARG C 31 2.04 -7.13 -10.52
C ARG C 31 1.99 -7.85 -9.16
N LEU C 32 1.96 -7.07 -8.08
CA LEU C 32 1.80 -7.62 -6.73
C LEU C 32 0.40 -8.20 -6.51
N GLU C 33 -0.61 -7.43 -6.91
CA GLU C 33 -2.01 -7.81 -6.72
C GLU C 33 -2.30 -9.07 -7.53
N ARG C 34 -1.77 -9.11 -8.74
CA ARG C 34 -1.93 -10.24 -9.64
C ARG C 34 -1.36 -11.53 -9.04
N VAL C 35 -0.20 -11.42 -8.39
CA VAL C 35 0.42 -12.57 -7.74
C VAL C 35 -0.38 -13.03 -6.53
N LYS C 36 -0.94 -12.08 -5.80
CA LYS C 36 -1.74 -12.37 -4.61
C LYS C 36 -3.07 -13.05 -4.89
N GLU C 37 -3.78 -12.56 -5.91
CA GLU C 37 -5.06 -13.14 -6.28
C GLU C 37 -4.80 -14.57 -6.76
N ALA C 38 -3.72 -14.74 -7.51
CA ALA C 38 -3.33 -16.04 -8.04
C ALA C 38 -2.91 -17.02 -6.93
N SER C 39 -2.45 -16.50 -5.81
CA SER C 39 -1.98 -17.34 -4.72
C SER C 39 -3.14 -18.17 -4.18
N LYS C 40 -4.32 -17.57 -4.16
CA LYS C 40 -5.51 -18.19 -3.60
C LYS C 40 -6.30 -18.95 -4.68
N ARG C 41 -5.59 -19.49 -5.67
CA ARG C 41 -6.22 -20.25 -6.77
C ARG C 41 -5.78 -21.72 -6.83
N GLY C 42 -5.37 -22.27 -5.69
CA GLY C 42 -5.03 -23.69 -5.57
C GLY C 42 -3.97 -24.09 -6.59
N VAL C 43 -2.74 -23.65 -6.33
CA VAL C 43 -1.62 -23.84 -7.27
C VAL C 43 -0.34 -24.37 -6.57
N SER C 44 0.30 -25.40 -7.16
CA SER C 44 1.38 -26.17 -6.49
C SER C 44 2.52 -25.36 -5.85
N SER C 45 3.39 -26.08 -5.13
CA SER C 45 4.57 -25.48 -4.48
C SER C 45 5.53 -24.92 -5.53
N ASP C 46 5.85 -25.73 -6.52
CA ASP C 46 6.72 -25.32 -7.62
C ASP C 46 6.24 -24.02 -8.23
N GLN C 47 4.94 -23.86 -8.23
CA GLN C 47 4.31 -22.69 -8.80
C GLN C 47 4.43 -21.56 -7.76
N LEU C 48 4.35 -21.90 -6.47
CA LEU C 48 4.57 -20.94 -5.37
C LEU C 48 6.01 -20.42 -5.29
N LEU C 49 6.99 -21.31 -5.52
CA LEU C 49 8.39 -20.90 -5.52
C LEU C 49 8.68 -19.85 -6.59
N ASP C 50 8.03 -19.99 -7.74
CA ASP C 50 8.18 -19.02 -8.82
C ASP C 50 7.61 -17.67 -8.39
N LEU C 51 6.52 -17.72 -7.63
CA LEU C 51 5.91 -16.49 -7.13
C LEU C 51 6.90 -15.76 -6.23
N ILE C 52 7.67 -16.52 -5.46
CA ILE C 52 8.71 -15.93 -4.61
C ILE C 52 9.76 -15.22 -5.47
N ARG C 53 10.15 -15.83 -6.58
CA ARG C 53 11.10 -15.18 -7.49
C ARG C 53 10.50 -13.89 -8.01
N GLU C 54 9.21 -13.93 -8.32
CA GLU C 54 8.51 -12.79 -8.89
C GLU C 54 8.49 -11.64 -7.89
N LEU C 55 8.20 -11.96 -6.63
CA LEU C 55 8.19 -10.96 -5.59
C LEU C 55 9.62 -10.47 -5.31
N ALA C 56 10.57 -11.38 -5.43
CA ALA C 56 11.98 -11.05 -5.25
C ALA C 56 12.47 -10.08 -6.32
N GLU C 57 11.99 -10.24 -7.54
CA GLU C 57 12.32 -9.33 -8.63
C GLU C 57 11.76 -7.93 -8.38
N ILE C 58 10.52 -7.87 -7.90
CA ILE C 58 9.88 -6.60 -7.61
C ILE C 58 10.68 -5.86 -6.55
N ILE C 59 11.03 -6.58 -5.49
CA ILE C 59 11.73 -6.00 -4.35
C ILE C 59 13.08 -5.43 -4.78
N GLU C 60 13.83 -6.19 -5.57
CA GLU C 60 15.14 -5.74 -6.01
C GLU C 60 15.03 -4.51 -6.90
N GLU C 61 13.97 -4.45 -7.69
CA GLU C 61 13.74 -3.30 -8.56
C GLU C 61 13.36 -2.07 -7.74
N LEU C 62 12.47 -2.23 -6.78
CA LEU C 62 12.03 -1.13 -5.93
C LEU C 62 13.19 -0.56 -5.11
N ILE C 63 14.13 -1.41 -4.72
CA ILE C 63 15.30 -0.98 -3.98
C ILE C 63 16.20 -0.10 -4.85
N ARG C 64 16.34 -0.44 -6.13
CA ARG C 64 17.13 0.40 -7.04
C ARG C 64 16.54 1.80 -7.12
N ILE C 65 15.21 1.87 -7.20
CA ILE C 65 14.51 3.15 -7.27
C ILE C 65 14.78 3.95 -6.00
N ILE C 66 14.75 3.29 -4.85
CA ILE C 66 15.00 3.94 -3.57
C ILE C 66 16.42 4.46 -3.48
N ARG C 67 17.36 3.68 -3.97
CA ARG C 67 18.77 4.02 -3.91
C ARG C 67 19.00 5.27 -4.76
N ARG C 68 18.34 5.29 -5.91
CA ARG C 68 18.44 6.38 -6.86
C ARG C 68 17.84 7.67 -6.32
N SER C 69 16.68 7.56 -5.67
CA SER C 69 16.01 8.71 -5.09
C SER C 69 16.87 9.31 -3.99
N ASN C 70 17.56 8.44 -3.26
CA ASN C 70 18.51 8.89 -2.25
C ASN C 70 19.63 9.71 -2.87
N GLU C 71 20.13 9.25 -4.01
CA GLU C 71 21.19 9.98 -4.69
C GLU C 71 20.66 11.33 -5.18
N ALA C 72 19.42 11.36 -5.62
CA ALA C 72 18.81 12.61 -6.05
C ALA C 72 18.66 13.56 -4.87
N ILE C 73 18.23 13.05 -3.72
CA ILE C 73 18.05 13.87 -2.53
C ILE C 73 19.38 14.41 -2.01
N LYS C 74 20.40 13.56 -2.01
CA LYS C 74 21.75 13.97 -1.60
C LYS C 74 22.28 15.09 -2.50
N GLU C 75 22.08 14.95 -3.80
CA GLU C 75 22.59 15.92 -4.75
C GLU C 75 21.87 17.26 -4.56
N LEU C 76 20.58 17.20 -4.28
CA LEU C 76 19.77 18.39 -4.07
C LEU C 76 20.10 19.09 -2.74
N ILE C 77 20.34 18.31 -1.70
CA ILE C 77 20.57 18.89 -0.38
C ILE C 77 21.87 19.70 -0.35
N LYS C 78 22.88 19.26 -1.08
CA LYS C 78 24.14 19.99 -1.15
C LYS C 78 24.10 21.09 -2.21
N ASN C 79 22.91 21.38 -2.74
CA ASN C 79 22.75 22.43 -3.75
C ASN C 79 23.63 22.21 -4.97
N SER D 7 15.26 25.97 6.31
CA SER D 7 15.45 24.69 5.63
C SER D 7 16.18 23.68 6.52
N ASP D 8 16.88 24.17 7.52
CA ASP D 8 17.71 23.32 8.36
C ASP D 8 16.82 22.31 9.09
N TYR D 9 15.61 22.75 9.45
CA TYR D 9 14.66 21.87 10.11
C TYR D 9 14.15 20.79 9.17
N ILE D 10 13.75 21.20 7.97
CA ILE D 10 13.25 20.28 6.97
C ILE D 10 14.33 19.34 6.50
N ILE D 11 15.50 19.88 6.25
CA ILE D 11 16.63 19.08 5.78
C ILE D 11 16.86 17.94 6.77
N GLU D 12 16.73 18.22 8.06
CA GLU D 12 16.90 17.19 9.07
C GLU D 12 15.78 16.16 9.02
N GLN D 13 14.55 16.62 8.79
CA GLN D 13 13.41 15.71 8.69
C GLN D 13 13.61 14.76 7.52
N ILE D 14 14.06 15.30 6.41
CA ILE D 14 14.33 14.53 5.19
C ILE D 14 15.47 13.53 5.39
N GLN D 15 16.57 14.00 5.96
CA GLN D 15 17.71 13.12 6.22
C GLN D 15 17.32 12.02 7.20
N ARG D 16 16.46 12.36 8.15
CA ARG D 16 15.98 11.39 9.11
C ARG D 16 15.18 10.31 8.38
N ASP D 17 14.35 10.74 7.43
CA ASP D 17 13.56 9.79 6.64
C ASP D 17 14.47 8.94 5.77
N GLN D 18 15.50 9.54 5.23
CA GLN D 18 16.42 8.84 4.34
C GLN D 18 17.25 7.88 5.17
N GLU D 19 17.55 8.28 6.41
CA GLU D 19 18.29 7.44 7.32
C GLU D 19 17.45 6.25 7.76
N GLU D 20 16.20 6.53 8.12
CA GLU D 20 15.24 5.49 8.49
C GLU D 20 15.02 4.57 7.29
N ALA D 21 15.05 5.16 6.10
CA ALA D 21 14.86 4.42 4.85
C ALA D 21 15.99 3.41 4.61
N ARG D 22 17.23 3.84 4.83
CA ARG D 22 18.39 2.96 4.58
C ARG D 22 18.36 1.69 5.40
N LYS D 23 17.95 1.79 6.66
CA LYS D 23 17.87 0.59 7.49
C LYS D 23 16.78 -0.35 6.97
N LYS D 24 15.57 0.16 6.74
CA LYS D 24 14.47 -0.68 6.26
C LYS D 24 14.80 -1.38 4.95
N VAL D 25 15.52 -0.71 4.06
CA VAL D 25 15.93 -1.33 2.82
C VAL D 25 16.93 -2.45 3.14
N GLU D 26 17.86 -2.17 4.05
CA GLU D 26 18.87 -3.15 4.44
C GLU D 26 18.18 -4.34 5.13
N GLU D 27 17.15 -4.05 5.92
CA GLU D 27 16.35 -5.09 6.56
C GLU D 27 15.64 -5.96 5.53
N ALA D 28 15.15 -5.33 4.48
CA ALA D 28 14.43 -6.06 3.44
C ALA D 28 15.37 -6.96 2.64
N GLU D 29 16.58 -6.47 2.39
CA GLU D 29 17.57 -7.23 1.64
C GLU D 29 17.94 -8.52 2.35
N GLU D 30 18.18 -8.44 3.65
CA GLU D 30 18.51 -9.63 4.44
C GLU D 30 17.33 -10.57 4.56
N ARG D 31 16.15 -10.01 4.82
CA ARG D 31 14.95 -10.83 4.99
C ARG D 31 14.66 -11.54 3.68
N LEU D 32 15.03 -10.93 2.56
CA LEU D 32 14.85 -11.55 1.25
C LEU D 32 15.74 -12.79 1.11
N GLU D 33 17.00 -12.67 1.50
CA GLU D 33 17.93 -13.78 1.39
C GLU D 33 17.57 -14.96 2.30
N ARG D 34 17.18 -14.68 3.54
CA ARG D 34 16.73 -15.75 4.44
C ARG D 34 15.49 -16.42 3.86
N VAL D 35 14.63 -15.62 3.25
CA VAL D 35 13.45 -16.16 2.59
C VAL D 35 13.88 -17.03 1.41
N LYS D 36 14.93 -16.60 0.72
CA LYS D 36 15.45 -17.36 -0.42
C LYS D 36 16.18 -18.62 0.03
N GLU D 37 16.98 -18.54 1.09
CA GLU D 37 17.66 -19.71 1.62
C GLU D 37 16.66 -20.71 2.20
N ALA D 38 15.67 -20.20 2.94
CA ALA D 38 14.64 -21.05 3.52
C ALA D 38 13.75 -21.63 2.42
N SER D 39 13.64 -20.91 1.32
CA SER D 39 12.82 -21.31 0.19
C SER D 39 13.40 -22.57 -0.44
N LYS D 40 14.73 -22.68 -0.41
CA LYS D 40 15.42 -23.78 -1.06
C LYS D 40 15.48 -25.02 -0.20
N ARG D 41 15.23 -24.87 1.09
CA ARG D 41 15.18 -26.03 1.97
C ARG D 41 13.82 -26.73 1.82
N GLY D 42 13.01 -26.25 0.87
CA GLY D 42 11.80 -26.92 0.46
C GLY D 42 10.80 -27.26 1.56
N VAL D 43 10.02 -26.28 2.00
CA VAL D 43 9.10 -26.51 3.11
C VAL D 43 7.77 -27.10 2.59
N SER D 44 6.63 -26.49 2.92
CA SER D 44 5.33 -27.16 2.74
C SER D 44 4.20 -26.26 2.21
N SER D 45 4.57 -25.21 1.48
CA SER D 45 3.62 -24.25 0.93
C SER D 45 2.99 -23.41 2.04
N ASP D 46 2.45 -24.06 3.07
CA ASP D 46 1.88 -23.33 4.21
C ASP D 46 2.92 -22.35 4.75
N GLN D 47 4.18 -22.75 4.76
CA GLN D 47 5.27 -21.85 5.15
C GLN D 47 5.74 -20.99 3.97
N LEU D 48 5.71 -21.52 2.74
CA LEU D 48 6.09 -20.71 1.58
C LEU D 48 5.12 -19.54 1.42
N LEU D 49 3.83 -19.83 1.64
CA LEU D 49 2.80 -18.81 1.58
C LEU D 49 3.08 -17.76 2.64
N ASP D 50 3.60 -18.19 3.78
CA ASP D 50 3.94 -17.27 4.86
C ASP D 50 5.08 -16.37 4.37
N LEU D 51 6.02 -16.95 3.63
CA LEU D 51 7.13 -16.18 3.07
C LEU D 51 6.59 -15.20 2.04
N ILE D 52 5.60 -15.65 1.26
CA ILE D 52 4.98 -14.81 0.25
C ILE D 52 4.27 -13.61 0.89
N ARG D 53 3.56 -13.85 2.00
CA ARG D 53 2.94 -12.76 2.73
C ARG D 53 3.99 -11.77 3.23
N GLU D 54 5.11 -12.31 3.71
CA GLU D 54 6.18 -11.49 4.26
C GLU D 54 6.80 -10.59 3.20
N LEU D 55 7.04 -11.14 2.01
CA LEU D 55 7.60 -10.37 0.90
C LEU D 55 6.62 -9.33 0.39
N ALA D 56 5.34 -9.67 0.38
CA ALA D 56 4.30 -8.74 -0.02
C ALA D 56 4.28 -7.59 0.97
N GLU D 57 4.53 -7.93 2.23
CA GLU D 57 4.58 -6.96 3.31
C GLU D 57 5.76 -6.02 3.08
N ILE D 58 6.89 -6.59 2.67
CA ILE D 58 8.10 -5.81 2.38
C ILE D 58 7.87 -4.86 1.21
N ILE D 59 7.26 -5.36 0.14
CA ILE D 59 7.04 -4.55 -1.05
C ILE D 59 6.22 -3.32 -0.69
N GLU D 60 5.17 -3.54 0.08
CA GLU D 60 4.28 -2.46 0.47
C GLU D 60 5.01 -1.40 1.28
N GLU D 61 5.98 -1.83 2.09
CA GLU D 61 6.78 -0.88 2.84
C GLU D 61 7.71 -0.07 1.94
N LEU D 62 8.39 -0.75 1.03
CA LEU D 62 9.30 -0.07 0.11
C LEU D 62 8.57 0.90 -0.81
N ILE D 63 7.32 0.58 -1.14
CA ILE D 63 6.51 1.47 -1.95
C ILE D 63 6.19 2.76 -1.19
N ARG D 64 5.93 2.63 0.11
CA ARG D 64 5.71 3.82 0.94
C ARG D 64 6.94 4.71 1.00
N ILE D 65 8.11 4.10 1.11
CA ILE D 65 9.36 4.85 1.17
C ILE D 65 9.56 5.66 -0.12
N ILE D 66 9.24 5.04 -1.25
CA ILE D 66 9.40 5.70 -2.55
C ILE D 66 8.48 6.92 -2.67
N ARG D 67 7.25 6.77 -2.20
CA ARG D 67 6.28 7.87 -2.25
C ARG D 67 6.77 8.97 -1.33
N ARG D 68 7.31 8.56 -0.19
CA ARG D 68 7.84 9.48 0.82
C ARG D 68 9.05 10.24 0.26
N SER D 69 9.94 9.52 -0.41
CA SER D 69 11.12 10.13 -1.01
C SER D 69 10.75 11.09 -2.12
N ASN D 70 9.70 10.74 -2.87
CA ASN D 70 9.19 11.62 -3.92
C ASN D 70 8.69 12.95 -3.39
N GLU D 71 8.01 12.94 -2.26
CA GLU D 71 7.49 14.17 -1.68
C GLU D 71 8.65 15.08 -1.26
N ALA D 72 9.70 14.47 -0.71
CA ALA D 72 10.87 15.20 -0.27
C ALA D 72 11.59 15.86 -1.44
N ILE D 73 11.70 15.14 -2.55
CA ILE D 73 12.36 15.65 -3.74
C ILE D 73 11.55 16.82 -4.31
N LYS D 74 10.23 16.66 -4.32
CA LYS D 74 9.33 17.72 -4.76
C LYS D 74 9.55 18.95 -3.90
N GLU D 75 9.67 18.73 -2.59
CA GLU D 75 9.82 19.79 -1.62
C GLU D 75 11.16 20.50 -1.80
N LEU D 76 12.20 19.73 -2.11
CA LEU D 76 13.53 20.29 -2.28
C LEU D 76 13.66 21.10 -3.55
N ILE D 77 13.06 20.61 -4.63
CA ILE D 77 13.15 21.25 -5.93
C ILE D 77 12.42 22.59 -5.91
N LYS D 78 11.35 22.67 -5.13
CA LYS D 78 10.59 23.91 -4.98
C LYS D 78 11.32 24.80 -3.98
N ASN D 79 11.01 24.58 -2.69
CA ASN D 79 11.66 25.30 -1.60
C ASN D 79 12.98 24.64 -1.20
#